data_9D0P
#
_entry.id   9D0P
#
_cell.length_a   67.481
_cell.length_b   67.481
_cell.length_c   154.677
_cell.angle_alpha   90.00
_cell.angle_beta   90.00
_cell.angle_gamma   120.00
#
_symmetry.space_group_name_H-M   'P 32 2 1'
#
loop_
_entity.id
_entity.type
_entity.pdbx_description
1 polymer 'Serine/threonine-protein kinase PLK1'
2 non-polymer 1-[6-(2-hydroxypropan-2-yl)pyridin-2-yl]-6-{[4-(4-methylpiperazin-1-yl)phenyl]amino}-2-(prop-2-en-1-yl)-1,2-dihydro-3H-pyrazolo[3,4-d]pyrimidin-3-one
3 non-polymer 'ZINC ION'
4 non-polymer 'ACETATE ION'
5 water water
#
_entity_poly.entity_id   1
_entity_poly.type   'polypeptide(L)'
_entity_poly.pdbx_seq_one_letter_code
;GPAPADPGKAGVPGVAAPGAPAAAPPAKEIPEVLVDPRSRRRYVRGRFLGKGGFAKCFEISDADTKEVFAGKIVPKSLLL
KPHQREKMSMEISIHRSLAHQHVVGFHGFFEDNDFVFVVLELCRRRSLLELHKRRKALTEPEARYYLRQIVLGCQYLHRN
RVIHRDLKLGNLFLNEDLEVKIGDFGLATKVEYDGERKKVLCGTPNYIAPEVLSKKGHSFEVDVWSIGCIMYTLLVGKPP
FETSCLKETYLRIKKNEYSIPKHINPVAASLIQKMLQTDPTARPTINELLNDEFFTSGYIPARLPITCLTIPPRFSIAPS
SLDPSNRKPLTVLNK
;
_entity_poly.pdbx_strand_id   A
#
# COMPACT_ATOMS: atom_id res chain seq x y z
N ALA A 27 15.35 24.13 12.32
CA ALA A 27 13.90 24.03 12.13
C ALA A 27 13.19 23.87 13.47
N LYS A 28 11.88 23.62 13.42
CA LYS A 28 11.13 23.31 14.63
C LYS A 28 11.36 21.86 14.99
N GLU A 29 11.76 21.63 16.25
CA GLU A 29 11.94 20.28 16.72
C GLU A 29 10.60 19.71 17.19
N ILE A 30 10.45 18.40 17.05
CA ILE A 30 9.16 17.77 17.31
C ILE A 30 9.04 17.52 18.81
N PRO A 31 7.88 17.82 19.44
CA PRO A 31 7.71 17.62 20.87
C PRO A 31 7.71 16.15 21.30
N GLU A 32 8.09 15.93 22.55
CA GLU A 32 8.22 14.57 23.05
C GLU A 32 6.89 14.03 23.51
N VAL A 33 6.02 14.90 24.00
CA VAL A 33 4.66 14.50 24.30
C VAL A 33 3.76 15.35 23.43
N LEU A 34 2.84 14.66 22.77
CA LEU A 34 1.96 15.26 21.81
C LEU A 34 0.58 15.29 22.45
N VAL A 35 0.03 16.47 22.66
CA VAL A 35 -1.25 16.61 23.35
C VAL A 35 -2.33 16.94 22.34
N ASP A 36 -3.46 16.25 22.43
CA ASP A 36 -4.67 16.66 21.73
C ASP A 36 -5.59 17.32 22.77
N PRO A 37 -5.94 18.60 22.63
CA PRO A 37 -6.90 19.24 23.54
C PRO A 37 -8.34 18.81 23.40
N ARG A 38 -8.72 18.23 22.26
CA ARG A 38 -10.14 17.94 22.05
C ARG A 38 -10.53 16.59 22.64
N SER A 39 -9.75 15.54 22.36
CA SER A 39 -10.01 14.24 22.98
C SER A 39 -9.39 14.11 24.38
N ARG A 40 -8.42 14.98 24.68
CA ARG A 40 -7.84 15.10 26.02
C ARG A 40 -6.73 14.09 26.28
N ARG A 41 -6.16 13.56 25.21
CA ARG A 41 -5.13 12.54 25.28
C ARG A 41 -3.75 13.17 25.18
N ARG A 42 -2.81 12.53 25.85
CA ARG A 42 -1.40 12.81 25.65
C ARG A 42 -0.76 11.57 25.10
N TYR A 43 0.03 11.74 24.05
CA TYR A 43 0.79 10.66 23.46
C TYR A 43 2.26 10.91 23.67
N VAL A 44 2.95 9.91 24.21
CA VAL A 44 4.40 9.89 24.25
C VAL A 44 4.92 9.58 22.84
N ARG A 45 5.86 10.38 22.36
CA ARG A 45 6.51 10.07 21.10
C ARG A 45 7.72 9.17 21.37
N GLY A 46 7.78 8.06 20.64
CA GLY A 46 8.77 7.03 20.88
C GLY A 46 9.70 6.80 19.70
N ARG A 47 9.74 5.55 19.23
CA ARG A 47 10.74 5.13 18.25
C ARG A 47 10.45 5.68 16.87
N PHE A 48 11.47 6.19 16.20
CA PHE A 48 11.34 6.62 14.82
C PHE A 48 11.27 5.43 13.87
N LEU A 49 10.43 5.54 12.85
CA LEU A 49 10.18 4.44 11.91
C LEU A 49 10.57 4.76 10.47
N GLY A 50 10.70 6.03 10.11
CA GLY A 50 10.99 6.35 8.71
C GLY A 50 10.35 7.64 8.21
N LYS A 51 10.85 8.07 7.05
CA LYS A 51 10.42 9.29 6.40
C LYS A 51 9.45 8.96 5.26
N GLY A 52 8.63 9.93 4.91
CA GLY A 52 7.83 9.79 3.71
C GLY A 52 7.37 11.14 3.21
N GLY A 53 8.23 11.81 2.46
CA GLY A 53 7.83 13.09 1.92
C GLY A 53 8.10 14.18 2.91
N PHE A 54 7.06 14.94 3.21
CA PHE A 54 7.13 15.90 4.31
C PHE A 54 7.04 15.22 5.69
N ALA A 55 6.64 13.96 5.72
CA ALA A 55 6.28 13.32 6.97
C ALA A 55 7.42 12.54 7.58
N LYS A 56 7.40 12.51 8.89
CA LYS A 56 8.17 11.55 9.67
C LYS A 56 7.17 10.69 10.43
N CYS A 57 7.54 9.43 10.61
CA CYS A 57 6.67 8.47 11.29
C CYS A 57 7.38 7.90 12.50
N PHE A 58 6.64 7.82 13.59
CA PHE A 58 7.13 7.32 14.86
C PHE A 58 6.16 6.30 15.41
N GLU A 59 6.66 5.35 16.21
CA GLU A 59 5.81 4.73 17.21
C GLU A 59 5.50 5.76 18.28
N ILE A 60 4.23 5.87 18.61
CA ILE A 60 3.76 6.78 19.62
C ILE A 60 2.85 5.98 20.54
N SER A 61 2.73 6.39 21.80
CA SER A 61 1.92 5.62 22.73
C SER A 61 1.19 6.53 23.70
N ASP A 62 -0.07 6.20 23.96
CA ASP A 62 -0.88 6.95 24.91
C ASP A 62 -0.28 6.91 26.30
N ALA A 63 -0.09 8.08 26.89
CA ALA A 63 0.64 8.21 28.15
C ALA A 63 -0.06 7.61 29.36
N ASP A 64 -1.38 7.43 29.24
CA ASP A 64 -2.17 6.77 30.26
C ASP A 64 -2.31 5.28 29.93
N THR A 65 -2.93 4.97 28.78
CA THR A 65 -3.36 3.60 28.56
C THR A 65 -2.29 2.70 27.94
N LYS A 66 -1.19 3.29 27.46
CA LYS A 66 0.00 2.54 27.04
C LYS A 66 -0.11 1.88 25.66
N GLU A 67 -1.25 2.06 25.01
CA GLU A 67 -1.51 1.49 23.70
C GLU A 67 -0.68 2.21 22.64
N VAL A 68 -0.13 1.43 21.71
CA VAL A 68 0.90 1.93 20.81
C VAL A 68 0.32 2.07 19.41
N PHE A 69 0.69 3.19 18.80
CA PHE A 69 0.19 3.61 17.50
C PHE A 69 1.36 4.00 16.61
N ALA A 70 1.09 4.08 15.32
CA ALA A 70 2.01 4.76 14.42
C ALA A 70 1.53 6.21 14.29
N GLY A 71 2.44 7.13 14.51
CA GLY A 71 2.12 8.54 14.45
C GLY A 71 2.79 9.17 13.25
N LYS A 72 1.98 9.72 12.34
CA LYS A 72 2.52 10.47 11.23
C LYS A 72 2.58 11.93 11.66
N ILE A 73 3.75 12.54 11.50
CA ILE A 73 3.97 13.91 11.93
C ILE A 73 4.45 14.67 10.70
N VAL A 74 3.71 15.71 10.31
CA VAL A 74 4.13 16.60 9.23
C VAL A 74 4.31 18.00 9.83
N PRO A 75 5.42 18.71 9.54
CA PRO A 75 5.61 20.07 10.02
C PRO A 75 4.90 21.08 9.12
N LYS A 76 4.34 22.10 9.76
CA LYS A 76 3.58 23.13 9.04
C LYS A 76 4.44 24.09 8.24
N SER A 77 5.74 24.10 8.54
CA SER A 77 6.74 24.74 7.69
C SER A 77 6.81 24.22 6.25
N LEU A 78 6.36 22.98 6.05
CA LEU A 78 6.30 22.40 4.72
C LEU A 78 4.89 22.42 4.14
N LEU A 79 3.98 23.11 4.81
CA LEU A 79 2.60 23.26 4.37
C LEU A 79 2.25 24.74 4.24
N LEU A 80 3.20 25.55 3.76
CA LEU A 80 2.96 27.00 3.65
C LEU A 80 2.11 27.38 2.45
N LYS A 81 2.03 26.51 1.45
CA LYS A 81 1.20 26.80 0.29
C LYS A 81 -0.11 26.04 0.45
N PRO A 82 -1.29 26.66 0.27
CA PRO A 82 -2.60 26.02 0.38
C PRO A 82 -2.79 24.68 -0.30
N HIS A 83 -2.19 24.50 -1.48
CA HIS A 83 -2.29 23.22 -2.18
C HIS A 83 -1.66 22.03 -1.45
N GLN A 84 -0.61 22.30 -0.67
CA GLN A 84 -0.02 21.23 0.14
C GLN A 84 -0.85 20.93 1.37
N ARG A 85 -1.50 21.97 1.91
CA ARG A 85 -2.48 21.74 2.97
C ARG A 85 -3.68 20.96 2.51
N GLU A 86 -4.18 21.27 1.31
CA GLU A 86 -5.33 20.56 0.77
C GLU A 86 -5.10 19.07 0.57
N LYS A 87 -3.90 18.70 0.14
CA LYS A 87 -3.54 17.29 0.04
C LYS A 87 -3.50 16.58 1.39
N MET A 88 -3.01 17.27 2.40
CA MET A 88 -3.03 16.77 3.78
C MET A 88 -4.46 16.60 4.31
N SER A 89 -5.33 17.53 3.94
CA SER A 89 -6.74 17.46 4.32
C SER A 89 -7.45 16.31 3.62
N MET A 90 -7.12 16.11 2.35
CA MET A 90 -7.75 15.08 1.54
C MET A 90 -7.36 13.69 2.02
N GLU A 91 -6.08 13.53 2.35
CA GLU A 91 -5.58 12.31 2.97
C GLU A 91 -6.32 11.92 4.24
N ILE A 92 -6.42 12.89 5.15
CA ILE A 92 -7.14 12.68 6.40
C ILE A 92 -8.62 12.40 6.17
N SER A 93 -9.24 13.12 5.24
CA SER A 93 -10.62 12.91 4.87
C SER A 93 -10.91 11.51 4.32
N ILE A 94 -10.03 11.03 3.45
CA ILE A 94 -10.18 9.69 2.91
C ILE A 94 -9.94 8.66 3.99
N HIS A 95 -8.78 8.75 4.63
CA HIS A 95 -8.34 7.69 5.54
C HIS A 95 -9.24 7.52 6.76
N ARG A 96 -9.79 8.61 7.28
CA ARG A 96 -10.69 8.51 8.43
C ARG A 96 -12.05 7.91 8.10
N SER A 97 -12.38 7.80 6.82
CA SER A 97 -13.65 7.19 6.42
C SER A 97 -13.55 5.67 6.20
N LEU A 98 -12.39 5.08 6.47
CA LEU A 98 -12.15 3.69 6.11
C LEU A 98 -12.10 2.81 7.35
N ALA A 99 -12.80 1.68 7.28
CA ALA A 99 -12.67 0.65 8.30
C ALA A 99 -12.68 -0.69 7.64
N HIS A 100 -11.57 -1.41 7.72
CA HIS A 100 -11.50 -2.75 7.15
C HIS A 100 -10.39 -3.52 7.81
N GLN A 101 -10.50 -4.85 7.76
CA GLN A 101 -9.45 -5.75 8.24
C GLN A 101 -8.11 -5.55 7.56
N HIS A 102 -8.16 -5.18 6.28
CA HIS A 102 -6.95 -5.05 5.48
C HIS A 102 -6.62 -3.62 5.13
N VAL A 103 -7.08 -2.69 5.96
CA VAL A 103 -6.72 -1.29 5.86
C VAL A 103 -6.15 -0.90 7.22
N VAL A 104 -5.11 -0.07 7.22
CA VAL A 104 -4.56 0.45 8.46
C VAL A 104 -5.59 1.34 9.13
N GLY A 105 -5.87 1.08 10.39
CA GLY A 105 -6.99 1.75 11.02
C GLY A 105 -6.62 3.13 11.53
N PHE A 106 -7.50 4.07 11.22
CA PHE A 106 -7.28 5.46 11.56
C PHE A 106 -7.80 5.71 12.96
N HIS A 107 -6.97 6.31 13.79
CA HIS A 107 -7.29 6.49 15.21
C HIS A 107 -7.42 7.94 15.63
N GLY A 108 -7.31 8.86 14.68
CA GLY A 108 -7.49 10.27 14.99
C GLY A 108 -6.44 11.15 14.35
N PHE A 109 -6.71 12.44 14.43
CA PHE A 109 -5.81 13.48 13.94
C PHE A 109 -5.87 14.64 14.92
N PHE A 110 -4.77 15.36 15.03
CA PHE A 110 -4.73 16.57 15.81
C PHE A 110 -3.64 17.48 15.30
N GLU A 111 -3.61 18.69 15.84
CA GLU A 111 -2.68 19.70 15.39
C GLU A 111 -2.07 20.39 16.59
N ASP A 112 -0.91 20.98 16.36
CA ASP A 112 -0.48 22.12 17.15
C ASP A 112 -0.15 23.25 16.18
N ASN A 113 0.51 24.27 16.67
CA ASN A 113 0.81 25.43 15.82
C ASN A 113 1.94 25.18 14.82
N ASP A 114 2.73 24.13 15.03
CA ASP A 114 3.87 23.83 14.17
C ASP A 114 3.74 22.50 13.43
N PHE A 115 2.80 21.64 13.83
CA PHE A 115 2.76 20.27 13.35
C PHE A 115 1.34 19.78 13.15
N VAL A 116 1.20 18.90 12.17
CA VAL A 116 0.01 18.07 11.98
C VAL A 116 0.37 16.68 12.49
N PHE A 117 -0.53 16.07 13.26
CA PHE A 117 -0.33 14.74 13.83
C PHE A 117 -1.49 13.83 13.41
N VAL A 118 -1.18 12.63 12.91
CA VAL A 118 -2.20 11.62 12.61
C VAL A 118 -1.83 10.36 13.38
N VAL A 119 -2.82 9.71 13.98
CA VAL A 119 -2.60 8.52 14.82
C VAL A 119 -3.19 7.31 14.11
N LEU A 120 -2.37 6.31 13.83
CA LEU A 120 -2.75 5.17 13.01
C LEU A 120 -2.39 3.86 13.66
N GLU A 121 -3.03 2.78 13.23
CA GLU A 121 -2.67 1.41 13.63
C GLU A 121 -1.19 1.10 13.42
N LEU A 122 -0.52 0.62 14.46
CA LEU A 122 0.87 0.23 14.31
C LEU A 122 0.91 -1.23 13.93
N CYS A 123 1.45 -1.48 12.74
CA CYS A 123 1.64 -2.84 12.29
C CYS A 123 3.09 -3.22 12.58
N ARG A 124 3.27 -4.18 13.47
CA ARG A 124 4.60 -4.34 14.07
C ARG A 124 5.62 -5.09 13.22
N ARG A 125 5.17 -5.78 12.17
CA ARG A 125 6.06 -6.59 11.35
C ARG A 125 6.42 -5.89 10.04
N ARG A 126 6.29 -4.57 10.04
CA ARG A 126 6.86 -3.74 8.99
C ARG A 126 5.98 -3.80 7.75
N SER A 127 6.57 -4.03 6.59
CA SER A 127 5.81 -4.08 5.35
C SER A 127 6.34 -5.16 4.43
N LEU A 128 5.59 -5.39 3.36
CA LEU A 128 6.03 -6.31 2.32
C LEU A 128 7.36 -5.96 1.66
N LEU A 129 7.80 -4.71 1.77
CA LEU A 129 9.10 -4.34 1.20
C LEU A 129 10.25 -4.89 2.02
N GLU A 130 10.09 -4.90 3.33
CA GLU A 130 11.13 -5.44 4.19
C GLU A 130 11.21 -6.95 4.05
N LEU A 131 10.05 -7.58 3.88
CA LEU A 131 9.97 -9.00 3.54
C LEU A 131 10.64 -9.33 2.21
N HIS A 132 10.30 -8.55 1.19
CA HIS A 132 10.87 -8.73 -0.14
C HIS A 132 12.40 -8.63 -0.17
N LYS A 133 12.96 -7.68 0.59
CA LYS A 133 14.41 -7.57 0.66
C LYS A 133 15.10 -8.72 1.37
N ARG A 134 14.39 -9.34 2.30
CA ARG A 134 14.94 -10.49 3.02
C ARG A 134 14.78 -11.79 2.23
N ARG A 135 13.60 -11.98 1.64
CA ARG A 135 13.24 -13.28 1.08
C ARG A 135 13.36 -13.34 -0.44
N LYS A 136 13.39 -12.20 -1.12
CA LYS A 136 13.38 -12.13 -2.59
C LYS A 136 12.04 -12.59 -3.15
N ALA A 137 12.06 -13.59 -4.04
CA ALA A 137 10.80 -14.16 -4.48
C ALA A 137 10.24 -15.10 -3.42
N LEU A 138 8.94 -15.02 -3.23
CA LEU A 138 8.25 -15.84 -2.25
C LEU A 138 7.80 -17.15 -2.90
N THR A 139 7.34 -18.08 -2.06
CA THR A 139 6.68 -19.28 -2.56
C THR A 139 5.29 -18.92 -3.08
N GLU A 140 4.84 -19.61 -4.13
CA GLU A 140 3.50 -19.36 -4.67
C GLU A 140 2.33 -19.27 -3.67
N PRO A 141 2.16 -20.21 -2.71
CA PRO A 141 1.20 -20.05 -1.63
C PRO A 141 1.32 -18.81 -0.77
N GLU A 142 2.54 -18.30 -0.55
CA GLU A 142 2.68 -17.05 0.21
C GLU A 142 2.26 -15.84 -0.60
N ALA A 143 2.61 -15.82 -1.88
CA ALA A 143 2.17 -14.74 -2.75
C ALA A 143 0.66 -14.72 -2.87
N ARG A 144 0.10 -15.91 -3.08
CA ARG A 144 -1.33 -16.13 -3.06
C ARG A 144 -2.03 -15.72 -1.76
N TYR A 145 -1.40 -16.01 -0.63
CA TYR A 145 -1.85 -15.50 0.67
C TYR A 145 -1.89 -13.97 0.74
N TYR A 146 -0.76 -13.34 0.45
CA TYR A 146 -0.67 -11.89 0.60
C TYR A 146 -1.48 -11.14 -0.45
N LEU A 147 -1.48 -11.64 -1.68
CA LEU A 147 -2.28 -11.01 -2.74
C LEU A 147 -3.78 -11.12 -2.50
N ARG A 148 -4.22 -12.17 -1.81
CA ARG A 148 -5.63 -12.26 -1.45
C ARG A 148 -6.05 -11.14 -0.50
N GLN A 149 -5.21 -10.89 0.49
CA GLN A 149 -5.51 -9.85 1.47
C GLN A 149 -5.35 -8.44 0.92
N ILE A 150 -4.39 -8.26 0.01
CA ILE A 150 -4.28 -7.03 -0.76
C ILE A 150 -5.57 -6.77 -1.55
N VAL A 151 -6.00 -7.76 -2.32
CA VAL A 151 -7.23 -7.64 -3.11
C VAL A 151 -8.48 -7.46 -2.26
N LEU A 152 -8.55 -8.12 -1.10
CA LEU A 152 -9.67 -7.89 -0.17
C LEU A 152 -9.72 -6.47 0.38
N GLY A 153 -8.56 -5.88 0.65
CA GLY A 153 -8.56 -4.51 1.10
C GLY A 153 -8.82 -3.52 -0.01
N CYS A 154 -8.33 -3.81 -1.20
CA CYS A 154 -8.62 -2.98 -2.36
C CYS A 154 -10.07 -3.11 -2.84
N GLN A 155 -10.70 -4.26 -2.59
CA GLN A 155 -12.14 -4.42 -2.79
C GLN A 155 -12.96 -3.54 -1.87
N TYR A 156 -12.50 -3.37 -0.64
CA TYR A 156 -13.12 -2.41 0.26
C TYR A 156 -13.00 -0.97 -0.25
N LEU A 157 -11.80 -0.60 -0.70
CA LEU A 157 -11.60 0.76 -1.20
C LEU A 157 -12.43 1.08 -2.43
N HIS A 158 -12.44 0.17 -3.39
CA HIS A 158 -13.17 0.42 -4.62
C HIS A 158 -14.69 0.39 -4.45
N ARG A 159 -15.16 -0.42 -3.51
CA ARG A 159 -16.56 -0.38 -3.08
C ARG A 159 -16.96 0.98 -2.50
N ASN A 160 -16.06 1.56 -1.72
CA ASN A 160 -16.28 2.88 -1.14
C ASN A 160 -15.92 4.03 -2.09
N ARG A 161 -15.50 3.70 -3.31
CA ARG A 161 -15.23 4.68 -4.35
C ARG A 161 -13.93 5.46 -4.11
N VAL A 162 -12.99 4.82 -3.43
CA VAL A 162 -11.68 5.37 -3.17
C VAL A 162 -10.70 4.63 -4.06
N ILE A 163 -9.86 5.35 -4.78
CA ILE A 163 -8.72 4.75 -5.46
C ILE A 163 -7.50 5.07 -4.58
N HIS A 164 -6.60 4.10 -4.44
CA HIS A 164 -5.41 4.33 -3.61
C HIS A 164 -4.34 5.08 -4.39
N ARG A 165 -4.00 4.54 -5.56
CA ARG A 165 -3.11 5.18 -6.52
C ARG A 165 -1.62 5.04 -6.28
N ASP A 166 -1.21 4.48 -5.14
CA ASP A 166 0.22 4.29 -4.86
C ASP A 166 0.46 2.99 -4.10
N LEU A 167 -0.19 1.90 -4.51
CA LEU A 167 0.00 0.63 -3.79
C LEU A 167 1.37 0.08 -4.14
N LYS A 168 2.24 -0.04 -3.14
CA LYS A 168 3.59 -0.53 -3.34
C LYS A 168 3.92 -1.48 -2.21
N LEU A 169 5.06 -2.16 -2.30
CA LEU A 169 5.43 -3.07 -1.21
C LEU A 169 5.66 -2.37 0.13
N GLY A 170 6.03 -1.10 0.09
CA GLY A 170 6.36 -0.39 1.31
C GLY A 170 5.21 0.29 2.02
N ASN A 171 3.99 0.15 1.49
CA ASN A 171 2.78 0.62 2.18
C ASN A 171 1.73 -0.47 2.39
N LEU A 172 2.16 -1.71 2.22
CA LEU A 172 1.34 -2.87 2.55
C LEU A 172 1.94 -3.43 3.82
N PHE A 173 1.41 -3.00 4.95
CA PHE A 173 2.04 -3.22 6.24
C PHE A 173 1.57 -4.54 6.86
N LEU A 174 2.46 -5.21 7.57
CA LEU A 174 2.15 -6.52 8.16
C LEU A 174 1.97 -6.38 9.65
N ASN A 175 0.81 -6.80 10.17
CA ASN A 175 0.64 -6.84 11.63
C ASN A 175 1.36 -8.05 12.25
N GLU A 176 1.22 -8.16 13.57
CA GLU A 176 1.84 -9.25 14.33
C GLU A 176 1.40 -10.69 13.96
N ASP A 177 0.20 -10.79 13.41
CA ASP A 177 -0.30 -12.06 12.87
C ASP A 177 0.10 -12.31 11.41
N LEU A 178 0.72 -11.31 10.78
CA LEU A 178 1.08 -11.33 9.36
C LEU A 178 -0.10 -11.13 8.43
N GLU A 179 -1.04 -10.28 8.84
CA GLU A 179 -2.08 -9.84 7.95
C GLU A 179 -1.68 -8.51 7.31
N VAL A 180 -2.04 -8.38 6.04
CA VAL A 180 -1.78 -7.19 5.27
C VAL A 180 -2.72 -6.08 5.70
N LYS A 181 -2.15 -4.89 5.79
CA LYS A 181 -2.86 -3.66 6.10
C LYS A 181 -2.41 -2.62 5.08
N ILE A 182 -3.31 -2.20 4.20
CA ILE A 182 -3.02 -1.12 3.27
C ILE A 182 -3.01 0.20 4.04
N GLY A 183 -1.93 0.95 3.91
CA GLY A 183 -1.87 2.30 4.44
C GLY A 183 -1.42 3.30 3.39
N ASP A 184 -1.10 4.49 3.84
CA ASP A 184 -0.44 5.50 3.01
C ASP A 184 -1.39 6.12 1.98
N PHE A 185 -2.49 6.69 2.46
CA PHE A 185 -3.53 7.18 1.55
C PHE A 185 -3.22 8.57 0.97
N GLY A 186 -1.96 8.85 0.68
CA GLY A 186 -1.57 10.22 0.42
C GLY A 186 -1.56 10.62 -1.04
N LEU A 187 -1.67 9.65 -1.93
CA LEU A 187 -2.02 9.92 -3.32
C LEU A 187 -3.45 9.47 -3.61
N ALA A 188 -4.23 9.16 -2.58
CA ALA A 188 -5.57 8.62 -2.81
C ALA A 188 -6.57 9.70 -3.21
N THR A 189 -7.65 9.23 -3.83
CA THR A 189 -8.70 10.12 -4.29
C THR A 189 -10.05 9.43 -4.17
N LYS A 190 -11.07 10.21 -3.82
CA LYS A 190 -12.46 9.78 -3.97
C LYS A 190 -12.89 9.94 -5.42
N VAL A 191 -13.81 9.08 -5.85
CA VAL A 191 -14.47 9.19 -7.15
C VAL A 191 -15.91 9.63 -6.86
N GLU A 192 -16.31 10.72 -7.50
CA GLU A 192 -17.52 11.43 -7.10
C GLU A 192 -18.73 11.12 -7.97
N TYR A 193 -18.48 10.65 -9.20
CA TYR A 193 -19.56 10.33 -10.12
C TYR A 193 -19.14 9.18 -11.00
N ASP A 194 -20.13 8.43 -11.48
CA ASP A 194 -19.84 7.25 -12.30
C ASP A 194 -19.33 7.66 -13.66
N GLY A 195 -18.21 7.06 -14.03
CA GLY A 195 -17.59 7.33 -15.31
C GLY A 195 -16.41 8.27 -15.23
N GLU A 196 -16.22 8.89 -14.06
CA GLU A 196 -15.19 9.90 -13.88
C GLU A 196 -13.79 9.40 -14.19
N ARG A 197 -13.11 10.13 -15.07
CA ARG A 197 -11.69 9.94 -15.25
C ARG A 197 -11.00 11.10 -14.56
N LYS A 198 -10.07 10.76 -13.69
CA LYS A 198 -9.23 11.77 -13.10
C LYS A 198 -8.14 12.12 -14.10
N LYS A 199 -7.97 13.40 -14.34
CA LYS A 199 -7.05 13.87 -15.37
C LYS A 199 -5.66 14.15 -14.82
N VAL A 200 -5.53 14.12 -13.50
CA VAL A 200 -4.34 14.56 -12.78
C VAL A 200 -4.07 13.63 -11.60
N LEU A 201 -2.79 13.35 -11.38
CA LEU A 201 -2.31 12.61 -10.21
C LEU A 201 -1.12 13.41 -9.73
N CYS A 202 -1.26 14.07 -8.59
CA CYS A 202 -0.17 14.88 -8.09
C CYS A 202 0.68 14.05 -7.15
N GLY A 203 1.89 13.79 -7.59
CA GLY A 203 2.77 12.86 -6.91
C GLY A 203 3.28 11.84 -7.90
N THR A 204 4.21 11.01 -7.44
CA THR A 204 4.81 10.02 -8.32
C THR A 204 4.61 8.66 -7.67
N PRO A 205 3.59 7.87 -8.08
CA PRO A 205 3.47 6.52 -7.55
C PRO A 205 4.52 5.56 -8.06
N ASN A 206 4.77 4.52 -7.26
CA ASN A 206 5.89 3.63 -7.56
C ASN A 206 5.61 2.74 -8.78
N TYR A 207 4.51 2.01 -8.72
CA TYR A 207 4.10 1.20 -9.86
C TYR A 207 3.08 1.99 -10.68
N ILE A 208 3.59 3.01 -11.35
CA ILE A 208 2.75 3.95 -12.07
C ILE A 208 2.16 3.33 -13.35
N ALA A 209 0.86 3.52 -13.51
CA ALA A 209 0.14 2.91 -14.63
C ALA A 209 0.29 3.72 -15.92
N PRO A 210 0.24 3.08 -17.10
CA PRO A 210 0.44 3.76 -18.38
C PRO A 210 -0.52 4.89 -18.76
N GLU A 211 -1.76 4.81 -18.31
CA GLU A 211 -2.72 5.88 -18.51
C GLU A 211 -2.43 7.14 -17.67
N VAL A 212 -1.70 6.94 -16.57
CA VAL A 212 -1.20 8.05 -15.78
C VAL A 212 0.03 8.64 -16.47
N LEU A 213 0.94 7.77 -16.93
CA LEU A 213 2.18 8.24 -17.57
C LEU A 213 1.98 9.06 -18.84
N SER A 214 1.01 8.65 -19.64
CA SER A 214 0.70 9.33 -20.88
C SER A 214 -0.22 10.53 -20.72
N LYS A 215 -0.84 10.64 -19.54
CA LYS A 215 -1.75 11.73 -19.21
C LYS A 215 -3.10 11.61 -19.92
N LYS A 216 -3.49 10.36 -20.16
CA LYS A 216 -4.74 10.07 -20.85
C LYS A 216 -5.94 10.16 -19.94
N GLY A 217 -5.75 9.90 -18.64
CA GLY A 217 -6.84 9.97 -17.69
C GLY A 217 -7.12 8.62 -17.10
N HIS A 218 -7.54 8.60 -15.84
CA HIS A 218 -7.48 7.35 -15.08
C HIS A 218 -8.65 7.17 -14.12
N SER A 219 -8.90 5.92 -13.76
CA SER A 219 -9.81 5.59 -12.69
C SER A 219 -9.28 4.32 -12.02
N PHE A 220 -10.18 3.56 -11.41
CA PHE A 220 -9.89 2.40 -10.57
C PHE A 220 -8.85 1.40 -11.04
N GLU A 221 -8.75 1.25 -12.36
CA GLU A 221 -7.82 0.35 -13.02
C GLU A 221 -6.34 0.52 -12.66
N VAL A 222 -5.95 1.70 -12.19
CA VAL A 222 -4.58 1.96 -11.76
C VAL A 222 -4.12 1.13 -10.55
N ASP A 223 -5.07 0.78 -9.69
CA ASP A 223 -4.74 -0.05 -8.54
C ASP A 223 -4.62 -1.51 -8.94
N VAL A 224 -5.38 -1.95 -9.94
CA VAL A 224 -5.21 -3.32 -10.45
C VAL A 224 -3.87 -3.48 -11.18
N TRP A 225 -3.48 -2.43 -11.90
CA TRP A 225 -2.12 -2.37 -12.44
C TRP A 225 -1.04 -2.53 -11.37
N SER A 226 -1.23 -1.81 -10.27
CA SER A 226 -0.29 -1.87 -9.15
C SER A 226 -0.21 -3.27 -8.55
N ILE A 227 -1.37 -3.88 -8.35
CA ILE A 227 -1.47 -5.24 -7.85
C ILE A 227 -0.81 -6.26 -8.79
N GLY A 228 -0.87 -6.01 -10.10
CA GLY A 228 -0.14 -6.86 -11.03
C GLY A 228 1.36 -6.76 -10.93
N CYS A 229 1.83 -5.54 -10.68
CA CYS A 229 3.25 -5.34 -10.42
C CYS A 229 3.72 -5.89 -9.09
N ILE A 230 2.85 -5.81 -8.08
CA ILE A 230 3.11 -6.47 -6.79
C ILE A 230 3.14 -7.98 -6.96
N MET A 231 2.19 -8.54 -7.69
CA MET A 231 2.17 -9.97 -7.98
C MET A 231 3.40 -10.44 -8.73
N TYR A 232 3.80 -9.67 -9.75
CA TYR A 232 5.07 -9.93 -10.41
C TYR A 232 6.24 -9.89 -9.43
N THR A 233 6.34 -8.83 -8.64
CA THR A 233 7.48 -8.67 -7.74
C THR A 233 7.59 -9.79 -6.70
N LEU A 234 6.45 -10.21 -6.15
CA LEU A 234 6.46 -11.24 -5.13
C LEU A 234 6.82 -12.62 -5.67
N LEU A 235 6.38 -12.94 -6.89
CA LEU A 235 6.65 -14.25 -7.45
C LEU A 235 7.99 -14.30 -8.19
N VAL A 236 8.38 -13.20 -8.82
CA VAL A 236 9.60 -13.22 -9.62
C VAL A 236 10.80 -12.76 -8.79
N GLY A 237 10.60 -11.79 -7.90
CA GLY A 237 11.66 -11.37 -7.00
C GLY A 237 12.29 -10.03 -7.35
N LYS A 238 11.89 -9.50 -8.50
CA LYS A 238 12.32 -8.21 -9.01
C LYS A 238 11.09 -7.55 -9.61
N PRO A 239 11.02 -6.21 -9.70
CA PRO A 239 9.87 -5.55 -10.32
C PRO A 239 9.83 -5.68 -11.85
N PRO A 240 8.64 -5.63 -12.47
CA PRO A 240 8.49 -5.93 -13.89
C PRO A 240 9.14 -5.04 -14.93
N PHE A 241 9.31 -3.74 -14.65
CA PHE A 241 9.70 -2.82 -15.72
C PHE A 241 11.05 -2.15 -15.49
N GLU A 242 11.66 -2.43 -14.34
CA GLU A 242 12.80 -1.67 -13.84
C GLU A 242 14.04 -1.64 -14.73
N THR A 243 14.59 -0.44 -14.89
CA THR A 243 15.91 -0.20 -15.45
C THR A 243 16.69 0.71 -14.51
N SER A 244 17.84 1.18 -14.98
CA SER A 244 18.62 2.15 -14.24
C SER A 244 18.06 3.57 -14.32
N CYS A 245 17.18 3.83 -15.28
CA CYS A 245 16.62 5.14 -15.48
C CYS A 245 15.12 5.03 -15.34
N LEU A 246 14.58 5.86 -14.48
CA LEU A 246 13.14 5.93 -14.25
C LEU A 246 12.34 6.30 -15.50
N LYS A 247 12.93 7.11 -16.38
CA LYS A 247 12.25 7.47 -17.60
C LYS A 247 12.34 6.38 -18.67
N GLU A 248 13.43 5.62 -18.67
CA GLU A 248 13.47 4.42 -19.51
C GLU A 248 12.55 3.33 -18.98
N THR A 249 12.37 3.29 -17.67
CA THR A 249 11.34 2.45 -17.05
C THR A 249 9.93 2.88 -17.49
N TYR A 250 9.68 4.18 -17.52
CA TYR A 250 8.40 4.69 -18.03
C TYR A 250 8.20 4.45 -19.53
N LEU A 251 9.30 4.49 -20.27
CA LEU A 251 9.27 4.12 -21.68
C LEU A 251 8.94 2.64 -21.88
N ARG A 252 9.43 1.79 -20.98
CA ARG A 252 9.02 0.38 -20.98
C ARG A 252 7.56 0.16 -20.64
N ILE A 253 7.05 0.88 -19.64
CA ILE A 253 5.63 0.75 -19.28
C ILE A 253 4.72 1.18 -20.43
N LYS A 254 5.13 2.23 -21.12
CA LYS A 254 4.45 2.70 -22.33
C LYS A 254 4.41 1.68 -23.46
N LYS A 255 5.49 0.91 -23.60
CA LYS A 255 5.56 -0.10 -24.65
C LYS A 255 5.01 -1.47 -24.23
N ASN A 256 4.79 -1.67 -22.93
CA ASN A 256 4.46 -2.99 -22.37
C ASN A 256 5.67 -3.92 -22.40
N GLU A 257 6.87 -3.33 -22.28
CA GLU A 257 8.09 -4.12 -22.37
C GLU A 257 8.40 -4.76 -21.02
N TYR A 258 7.89 -5.97 -20.87
CA TYR A 258 8.22 -6.82 -19.74
C TYR A 258 8.23 -8.27 -20.18
N SER A 259 8.84 -9.09 -19.36
CA SER A 259 8.90 -10.52 -19.64
C SER A 259 8.74 -11.25 -18.33
N ILE A 260 7.73 -12.12 -18.29
CA ILE A 260 7.58 -13.03 -17.17
C ILE A 260 8.49 -14.21 -17.48
N PRO A 261 9.37 -14.62 -16.56
CA PRO A 261 10.28 -15.72 -16.81
C PRO A 261 9.57 -17.06 -16.82
N LYS A 262 10.17 -18.01 -17.53
CA LYS A 262 9.47 -19.23 -17.90
C LYS A 262 9.23 -20.19 -16.75
N HIS A 263 9.91 -19.98 -15.63
CA HIS A 263 9.70 -20.81 -14.46
C HIS A 263 8.46 -20.42 -13.64
N ILE A 264 7.84 -19.29 -13.97
CA ILE A 264 6.59 -18.90 -13.31
C ILE A 264 5.45 -19.73 -13.88
N ASN A 265 4.64 -20.28 -12.98
CA ASN A 265 3.49 -21.10 -13.36
C ASN A 265 2.52 -20.38 -14.28
N PRO A 266 1.98 -21.04 -15.31
CA PRO A 266 1.16 -20.38 -16.31
C PRO A 266 -0.15 -19.82 -15.80
N VAL A 267 -0.68 -20.42 -14.74
CA VAL A 267 -1.87 -19.88 -14.09
C VAL A 267 -1.62 -18.53 -13.42
N ALA A 268 -0.44 -18.38 -12.83
CA ALA A 268 -0.06 -17.13 -12.20
C ALA A 268 0.37 -16.12 -13.25
N ALA A 269 1.15 -16.59 -14.23
CA ALA A 269 1.56 -15.73 -15.33
C ALA A 269 0.41 -15.23 -16.19
N SER A 270 -0.66 -16.01 -16.27
CA SER A 270 -1.88 -15.56 -16.90
C SER A 270 -2.56 -14.44 -16.14
N LEU A 271 -2.58 -14.52 -14.81
CA LEU A 271 -3.19 -13.46 -14.01
C LEU A 271 -2.36 -12.17 -14.03
N ILE A 272 -1.03 -12.31 -14.02
CA ILE A 272 -0.14 -11.16 -14.21
C ILE A 272 -0.39 -10.47 -15.55
N GLN A 273 -0.51 -11.26 -16.62
CA GLN A 273 -0.77 -10.69 -17.93
C GLN A 273 -2.11 -9.98 -18.06
N LYS A 274 -3.12 -10.45 -17.33
CA LYS A 274 -4.40 -9.76 -17.29
C LYS A 274 -4.33 -8.41 -16.59
N MET A 275 -3.54 -8.37 -15.52
CA MET A 275 -3.45 -7.15 -14.74
C MET A 275 -2.51 -6.12 -15.36
N LEU A 276 -1.42 -6.56 -15.98
CA LEU A 276 -0.44 -5.65 -16.57
C LEU A 276 -0.67 -5.44 -18.06
N GLN A 277 -1.92 -5.17 -18.42
CA GLN A 277 -2.22 -4.76 -19.79
C GLN A 277 -2.23 -3.25 -19.86
N THR A 278 -1.76 -2.73 -20.99
CA THR A 278 -1.59 -1.28 -21.13
C THR A 278 -2.94 -0.57 -21.28
N ASP A 279 -3.93 -1.25 -21.84
CA ASP A 279 -5.29 -0.71 -21.88
C ASP A 279 -5.91 -0.90 -20.50
N PRO A 280 -6.36 0.17 -19.82
CA PRO A 280 -7.06 0.02 -18.55
C PRO A 280 -8.30 -0.84 -18.59
N THR A 281 -9.07 -0.71 -19.66
CA THR A 281 -10.37 -1.35 -19.74
C THR A 281 -10.31 -2.85 -20.04
N ALA A 282 -9.13 -3.32 -20.42
CA ALA A 282 -8.90 -4.75 -20.58
C ALA A 282 -8.55 -5.45 -19.28
N ARG A 283 -8.16 -4.69 -18.26
CA ARG A 283 -7.79 -5.28 -16.98
C ARG A 283 -9.04 -5.76 -16.24
N PRO A 284 -8.93 -6.79 -15.39
CA PRO A 284 -10.04 -7.21 -14.55
C PRO A 284 -10.35 -6.19 -13.47
N THR A 285 -11.61 -6.13 -13.06
CA THR A 285 -11.94 -5.33 -11.88
C THR A 285 -11.65 -6.12 -10.62
N ILE A 286 -11.41 -5.40 -9.53
CA ILE A 286 -10.96 -5.97 -8.26
C ILE A 286 -11.83 -7.10 -7.67
N ASN A 287 -13.11 -7.10 -8.02
CA ASN A 287 -14.03 -8.14 -7.55
C ASN A 287 -13.81 -9.49 -8.24
N GLU A 288 -13.26 -9.45 -9.44
CA GLU A 288 -13.03 -10.66 -10.20
C GLU A 288 -11.81 -11.44 -9.72
N LEU A 289 -10.81 -10.72 -9.20
CA LEU A 289 -9.49 -11.29 -8.92
C LEU A 289 -9.46 -12.58 -8.12
N LEU A 290 -10.21 -12.62 -7.03
CA LEU A 290 -10.18 -13.79 -6.16
C LEU A 290 -10.92 -15.01 -6.73
N ASN A 291 -11.66 -14.79 -7.80
CA ASN A 291 -12.26 -15.87 -8.54
C ASN A 291 -11.34 -16.40 -9.64
N ASP A 292 -10.16 -15.81 -9.81
CA ASP A 292 -9.18 -16.33 -10.76
C ASP A 292 -8.68 -17.70 -10.36
N GLU A 293 -8.35 -18.49 -11.38
CA GLU A 293 -7.81 -19.82 -11.25
C GLU A 293 -6.54 -19.90 -10.38
N PHE A 294 -5.76 -18.82 -10.38
CA PHE A 294 -4.62 -18.67 -9.48
C PHE A 294 -4.97 -18.80 -8.01
N PHE A 295 -6.11 -18.25 -7.60
CA PHE A 295 -6.55 -18.43 -6.22
C PHE A 295 -7.37 -19.69 -6.07
N THR A 296 -8.29 -19.92 -7.00
CA THR A 296 -9.31 -20.95 -6.82
C THR A 296 -8.85 -22.37 -7.13
N SER A 297 -7.60 -22.54 -7.54
CA SER A 297 -7.02 -23.87 -7.69
C SER A 297 -5.68 -24.00 -6.97
N GLY A 298 -5.42 -23.12 -6.03
CA GLY A 298 -4.17 -23.13 -5.31
C GLY A 298 -4.41 -23.25 -3.83
N TYR A 299 -3.38 -23.75 -3.15
CA TYR A 299 -3.39 -23.74 -1.69
C TYR A 299 -3.23 -22.31 -1.19
N ILE A 300 -4.22 -21.83 -0.45
CA ILE A 300 -4.13 -20.54 0.21
C ILE A 300 -4.01 -20.87 1.69
N PRO A 301 -2.85 -20.67 2.33
CA PRO A 301 -2.69 -20.83 3.77
C PRO A 301 -3.71 -20.05 4.59
N ALA A 302 -4.14 -20.63 5.70
CA ALA A 302 -5.00 -19.90 6.61
C ALA A 302 -4.22 -18.86 7.40
N ARG A 303 -2.96 -19.17 7.69
CA ARG A 303 -2.06 -18.23 8.30
C ARG A 303 -0.64 -18.57 7.89
N LEU A 304 0.26 -17.64 8.13
CA LEU A 304 1.69 -17.89 7.99
C LEU A 304 2.33 -17.63 9.35
N PRO A 305 3.33 -18.44 9.77
CA PRO A 305 4.09 -18.14 10.98
C PRO A 305 5.20 -17.13 10.77
N ILE A 306 5.67 -16.54 11.88
CA ILE A 306 6.79 -15.58 11.88
C ILE A 306 8.07 -16.03 11.20
N THR A 307 8.31 -17.34 11.17
CA THR A 307 9.44 -17.87 10.44
C THR A 307 9.40 -17.63 8.91
N CYS A 308 8.23 -17.34 8.36
CA CYS A 308 8.11 -16.97 6.94
C CYS A 308 8.72 -15.63 6.59
N LEU A 309 8.99 -14.80 7.60
CA LEU A 309 9.79 -13.60 7.37
C LEU A 309 11.25 -13.88 7.06
N THR A 310 11.73 -15.06 7.46
CA THR A 310 13.15 -15.38 7.41
C THR A 310 13.41 -16.52 6.43
N ILE A 311 12.62 -17.58 6.54
CA ILE A 311 12.91 -18.85 5.88
C ILE A 311 11.72 -19.20 4.99
N PRO A 312 11.90 -19.70 3.76
CA PRO A 312 10.78 -20.12 2.94
C PRO A 312 10.02 -21.29 3.54
N PRO A 313 8.68 -21.21 3.65
CA PRO A 313 7.89 -22.28 4.19
C PRO A 313 7.78 -23.45 3.23
N ARG A 314 7.77 -24.63 3.82
CA ARG A 314 7.71 -25.85 3.06
C ARG A 314 6.50 -26.52 3.68
N PHE A 315 5.34 -26.26 3.09
CA PHE A 315 4.04 -26.44 3.75
C PHE A 315 3.67 -27.91 3.92
N SER A 316 4.23 -28.48 4.98
CA SER A 316 4.28 -29.92 5.14
C SER A 316 3.01 -30.42 5.81
N ILE A 317 2.54 -31.57 5.36
CA ILE A 317 1.29 -32.14 5.85
C ILE A 317 1.38 -32.70 7.26
N ALA A 318 2.59 -33.00 7.72
CA ALA A 318 2.79 -33.44 9.08
C ALA A 318 4.18 -33.03 9.50
N PRO A 319 4.40 -32.70 10.78
CA PRO A 319 5.72 -32.29 11.25
C PRO A 319 6.67 -33.47 11.38
N SER A 320 7.89 -33.25 10.90
CA SER A 320 8.94 -34.27 10.75
C SER A 320 8.95 -34.88 9.35
#